data_4APF
#
_entry.id   4APF
#
_cell.length_a   238.640
_cell.length_b   41.440
_cell.length_c   147.780
_cell.angle_alpha   90.00
_cell.angle_beta   110.20
_cell.angle_gamma   90.00
#
_symmetry.space_group_name_H-M   'C 1 2 1'
#
loop_
_entity.id
_entity.type
_entity.pdbx_description
1 polymer 'KELCH-LIKE PROTEIN 11'
2 polymer 'CULLIN 3'
3 water water
#
loop_
_entity_poly.entity_id
_entity_poly.type
_entity_poly.pdbx_seq_one_letter_code
_entity_poly.pdbx_strand_id
1 'polypeptide(L)'
;MHHHHHHSSGVDLGTENLYFQSMEAEDFECSSHCSELSWRQNEQRRQGLFCDITLCFGGAGGREFRAHRSVLAAATEYFT
PLLSGQFSESRSGRVEMRKWSSEPGPEPDTVEAVIEYMYTGRIRVSTGSVHEVLELADRFLLIRLKEFCGEFLKKKLHLS
NCVAIHSLAHMYTLSQLALKAADMIRRNFHKVIQDEEFYTLPFHLIRDWLSDLEITVDSEEVLFETVLKWVQRNAEERER
YFEELFKLLRLSQMKPTYLTRHVKPERLVANNEVCVKLVADAVERHALRAENIQSGT
;
A
2 'polypeptide(L)'
;MTMDEKYVNSIWDLLKNAIQEIQRKNNSGLSFEELYRNAYTMVLHKHGEKLYTGLREVVTEHLINKVREDVLNSLNNNFL
QTLNQAWNDHQTAMVMIRDILMYMDRVYVQQNNVENVYNLGLIIFRDQVVRYGCIRDHLRQTLLDMIARERKGEVVDRGA
IRNACQMLMILGLEGRSVYEEDFEAPFLEMSAEFFQMESQKFLAENSASVYIKKVEARINEEIERVMHCLDKSTEEPIVK
VVERELISKHMKTIVEMENSGLVHMLKNGKTEDLGCMYKLFSRVPNGLKTMCECMSSYLREQGKALVSEEGEGKNPVDYR
QGLDDLKSRFDRFLLESFNNDRLFKQTIAGDFEYFLNLNSRSPEYLAENLYFQSHHHHHHDYKDDDDK
;
B
#
# COMPACT_ATOMS: atom_id res chain seq x y z
N GLU A 24 1.23 -19.68 -40.13
CA GLU A 24 1.11 -19.21 -38.74
C GLU A 24 2.46 -19.22 -38.00
N ALA A 25 2.54 -18.49 -36.87
CA ALA A 25 3.72 -18.31 -35.99
C ALA A 25 3.97 -19.53 -35.07
N GLU A 26 4.98 -19.45 -34.16
CA GLU A 26 5.40 -20.50 -33.23
C GLU A 26 6.34 -19.91 -32.19
N ASP A 27 6.20 -20.32 -30.92
CA ASP A 27 7.03 -19.80 -29.84
C ASP A 27 8.17 -20.78 -29.52
N PHE A 28 9.34 -20.24 -29.19
CA PHE A 28 10.53 -21.02 -28.85
C PHE A 28 10.97 -20.77 -27.45
N GLU A 29 11.41 -21.84 -26.79
CA GLU A 29 11.90 -21.73 -25.43
C GLU A 29 13.13 -22.59 -25.28
N CYS A 30 14.24 -21.93 -25.02
CA CYS A 30 15.50 -22.58 -24.76
C CYS A 30 15.55 -22.71 -23.24
N SER A 31 15.13 -23.90 -22.73
CA SER A 31 15.03 -24.17 -21.29
C SER A 31 16.35 -23.92 -20.54
N SER A 32 17.44 -24.46 -21.11
CA SER A 32 18.80 -24.38 -20.60
C SER A 32 19.30 -22.94 -20.49
N HIS A 33 18.89 -22.05 -21.44
CA HIS A 33 19.32 -20.67 -21.66
C HIS A 33 19.64 -19.83 -20.44
N CYS A 34 18.64 -19.44 -19.65
CA CYS A 34 18.88 -18.56 -18.54
C CYS A 34 19.83 -19.15 -17.50
N SER A 35 19.75 -20.48 -17.23
CA SER A 35 20.68 -21.18 -16.33
C SER A 35 22.13 -20.94 -16.79
N GLU A 36 22.39 -21.11 -18.11
CA GLU A 36 23.68 -20.90 -18.77
C GLU A 36 24.11 -19.43 -18.68
N LEU A 37 23.26 -18.50 -19.16
CA LEU A 37 23.49 -17.06 -19.14
C LEU A 37 24.00 -16.55 -17.80
N SER A 38 23.36 -16.97 -16.69
CA SER A 38 23.71 -16.59 -15.33
C SER A 38 25.06 -17.12 -14.96
N TRP A 39 25.27 -18.42 -15.19
CA TRP A 39 26.54 -19.03 -14.91
C TRP A 39 27.68 -18.38 -15.71
N ARG A 40 27.47 -18.08 -17.00
CA ARG A 40 28.50 -17.45 -17.82
C ARG A 40 28.81 -16.04 -17.30
N GLN A 41 27.83 -15.33 -16.76
CA GLN A 41 28.00 -14.00 -16.15
C GLN A 41 28.82 -14.12 -14.85
N ASN A 42 28.65 -15.21 -14.09
CA ASN A 42 29.44 -15.42 -12.88
C ASN A 42 30.89 -15.63 -13.27
N GLU A 43 31.11 -16.49 -14.27
CA GLU A 43 32.43 -16.79 -14.84
C GLU A 43 33.11 -15.49 -15.30
N GLN A 44 32.33 -14.51 -15.78
CA GLN A 44 32.81 -13.18 -16.17
C GLN A 44 33.36 -12.46 -14.95
N ARG A 45 32.51 -12.32 -13.90
CA ARG A 45 32.77 -11.66 -12.62
C ARG A 45 34.08 -12.16 -12.00
N ARG A 46 34.28 -13.50 -11.99
CA ARG A 46 35.47 -14.16 -11.45
C ARG A 46 36.74 -13.76 -12.21
N GLN A 47 36.62 -13.47 -13.51
CA GLN A 47 37.73 -12.99 -14.33
C GLN A 47 37.77 -11.45 -14.37
N GLY A 48 36.73 -10.82 -13.83
CA GLY A 48 36.59 -9.36 -13.77
C GLY A 48 36.00 -8.75 -15.02
N LEU A 49 35.70 -9.60 -16.02
CA LEU A 49 35.10 -9.28 -17.31
C LEU A 49 33.79 -8.49 -17.19
N PHE A 50 33.78 -7.30 -17.81
CA PHE A 50 32.67 -6.34 -17.92
C PHE A 50 32.15 -5.86 -16.54
N CYS A 51 32.97 -5.99 -15.48
CA CYS A 51 32.54 -5.58 -14.15
C CYS A 51 32.39 -4.06 -14.05
N ASP A 52 31.18 -3.68 -13.60
CA ASP A 52 30.65 -2.34 -13.44
C ASP A 52 31.07 -1.70 -12.11
N ILE A 53 30.77 -2.39 -10.99
CA ILE A 53 30.94 -1.97 -9.58
C ILE A 53 31.99 -2.84 -8.82
N THR A 54 32.55 -2.30 -7.69
CA THR A 54 33.52 -2.94 -6.78
C THR A 54 32.94 -2.90 -5.38
N LEU A 55 32.68 -4.07 -4.76
CA LEU A 55 32.08 -4.18 -3.42
C LEU A 55 33.12 -4.48 -2.34
N CYS A 56 33.47 -3.47 -1.50
CA CYS A 56 34.43 -3.64 -0.40
C CYS A 56 33.72 -3.94 0.94
N PHE A 57 34.20 -4.96 1.67
CA PHE A 57 33.61 -5.38 2.95
C PHE A 57 34.54 -5.14 4.15
N GLY A 58 35.83 -4.89 3.87
CA GLY A 58 36.87 -4.60 4.86
C GLY A 58 38.11 -3.93 4.29
N GLY A 59 38.62 -2.93 5.01
CA GLY A 59 39.80 -2.16 4.62
C GLY A 59 41.09 -2.93 4.71
N ARG A 63 38.89 -7.68 1.87
CA ARG A 63 38.98 -7.76 0.41
C ARG A 63 37.72 -7.19 -0.28
N GLU A 64 37.88 -6.84 -1.58
CA GLU A 64 36.84 -6.27 -2.44
C GLU A 64 36.46 -7.25 -3.57
N PHE A 65 35.18 -7.26 -3.91
CA PHE A 65 34.60 -8.16 -4.92
C PHE A 65 34.02 -7.38 -6.10
N ARG A 66 34.59 -7.57 -7.29
CA ARG A 66 34.11 -6.94 -8.53
C ARG A 66 32.88 -7.70 -8.99
N ALA A 67 31.84 -6.98 -9.43
CA ALA A 67 30.58 -7.60 -9.88
C ALA A 67 29.92 -6.75 -10.97
N HIS A 68 28.73 -7.17 -11.43
CA HIS A 68 28.00 -6.48 -12.49
C HIS A 68 26.80 -5.71 -11.94
N ARG A 69 26.74 -4.37 -12.15
CA ARG A 69 25.60 -3.54 -11.71
C ARG A 69 24.23 -4.22 -12.08
N SER A 70 24.06 -4.67 -13.37
CA SER A 70 22.84 -5.30 -13.92
C SER A 70 22.38 -6.51 -13.12
N VAL A 71 23.31 -7.39 -12.76
CA VAL A 71 23.07 -8.66 -12.05
C VAL A 71 22.69 -8.36 -10.62
N LEU A 72 23.51 -7.53 -9.92
CA LEU A 72 23.31 -7.16 -8.53
C LEU A 72 21.95 -6.54 -8.40
N ALA A 73 21.63 -5.55 -9.25
CA ALA A 73 20.34 -4.88 -9.21
C ALA A 73 19.20 -5.84 -9.46
N ALA A 74 19.42 -6.85 -10.35
CA ALA A 74 18.41 -7.85 -10.67
C ALA A 74 18.20 -8.84 -9.50
N ALA A 75 19.29 -9.16 -8.77
CA ALA A 75 19.30 -10.09 -7.63
C ALA A 75 18.49 -9.56 -6.42
N THR A 76 18.52 -8.23 -6.12
CA THR A 76 17.83 -7.69 -4.93
C THR A 76 17.43 -6.18 -5.04
N GLU A 77 16.26 -5.84 -4.46
CA GLU A 77 15.71 -4.47 -4.37
C GLU A 77 16.73 -3.46 -3.78
N TYR A 78 17.73 -3.95 -2.99
CA TYR A 78 18.76 -3.16 -2.32
C TYR A 78 19.59 -2.34 -3.31
N PHE A 79 20.20 -3.02 -4.26
CA PHE A 79 21.13 -2.44 -5.20
C PHE A 79 20.51 -1.49 -6.20
N THR A 80 19.20 -1.55 -6.39
CA THR A 80 18.56 -0.69 -7.38
C THR A 80 18.74 0.78 -6.97
N PRO A 81 18.24 1.31 -5.82
CA PRO A 81 18.48 2.72 -5.48
C PRO A 81 19.94 3.17 -5.31
N LEU A 82 20.78 2.22 -4.84
CA LEU A 82 22.21 2.41 -4.60
C LEU A 82 22.88 2.87 -5.89
N LEU A 83 22.84 1.99 -6.91
CA LEU A 83 23.41 2.13 -8.26
C LEU A 83 22.58 3.04 -9.23
N SER A 84 21.26 3.29 -8.93
CA SER A 84 20.33 4.14 -9.70
C SER A 84 21.02 5.40 -10.25
N GLY A 85 21.23 6.40 -9.39
CA GLY A 85 21.87 7.66 -9.76
C GLY A 85 21.47 8.81 -8.88
N GLN A 86 20.75 8.54 -7.79
CA GLN A 86 20.30 9.57 -6.88
C GLN A 86 21.28 9.77 -5.69
N PHE A 87 22.25 8.85 -5.52
CA PHE A 87 23.19 8.85 -4.40
C PHE A 87 24.65 8.64 -4.81
N SER A 88 25.59 9.17 -3.98
CA SER A 88 27.05 9.15 -4.08
C SER A 88 27.67 7.85 -4.71
N GLU A 89 27.15 6.65 -4.36
CA GLU A 89 27.58 5.31 -4.83
C GLU A 89 27.61 5.11 -6.37
N SER A 90 26.65 5.75 -7.09
CA SER A 90 26.53 5.67 -8.55
C SER A 90 27.75 6.34 -9.21
N ARG A 91 28.14 7.54 -8.70
CA ARG A 91 29.30 8.33 -9.12
C ARG A 91 30.62 7.67 -8.66
N SER A 92 30.62 7.03 -7.46
CA SER A 92 31.76 6.37 -6.84
C SER A 92 32.31 5.16 -7.64
N GLY A 93 31.44 4.24 -8.01
CA GLY A 93 31.82 2.99 -8.69
C GLY A 93 32.52 2.03 -7.72
N ARG A 94 32.18 2.17 -6.41
CA ARG A 94 32.68 1.44 -5.24
C ARG A 94 31.68 1.58 -4.08
N VAL A 95 31.44 0.50 -3.32
CA VAL A 95 30.48 0.51 -2.22
C VAL A 95 31.13 -0.08 -0.97
N GLU A 96 31.32 0.75 0.05
CA GLU A 96 31.93 0.42 1.33
C GLU A 96 30.88 -0.15 2.27
N MET A 97 30.82 -1.51 2.30
CA MET A 97 29.93 -2.28 3.17
C MET A 97 30.58 -2.28 4.54
N ARG A 98 30.05 -1.50 5.48
CA ARG A 98 30.69 -1.42 6.79
C ARG A 98 29.77 -1.90 7.90
N LYS A 99 30.30 -1.94 9.14
CA LYS A 99 29.63 -2.32 10.40
C LYS A 99 28.90 -3.70 10.33
N TRP A 100 29.69 -4.79 10.43
CA TRP A 100 29.22 -6.18 10.47
C TRP A 100 29.47 -6.77 11.87
N SER A 101 28.72 -7.84 12.26
CA SER A 101 28.88 -8.55 13.55
C SER A 101 30.34 -9.02 13.74
N SER A 102 30.98 -9.50 12.65
CA SER A 102 32.39 -9.88 12.61
C SER A 102 33.21 -8.59 12.43
N GLU A 103 34.27 -8.42 13.26
CA GLU A 103 35.13 -7.23 13.31
C GLU A 103 35.56 -6.69 11.91
N PRO A 104 36.39 -7.38 11.06
CA PRO A 104 36.73 -6.77 9.75
C PRO A 104 35.77 -7.21 8.64
N GLY A 105 34.52 -7.51 9.04
CA GLY A 105 33.46 -7.99 8.16
C GLY A 105 33.36 -9.50 8.12
N PRO A 106 32.38 -10.07 7.37
CA PRO A 106 32.28 -11.55 7.29
C PRO A 106 33.43 -12.21 6.52
N GLU A 107 33.60 -13.55 6.69
CA GLU A 107 34.66 -14.33 6.03
C GLU A 107 34.51 -14.22 4.52
N PRO A 108 35.61 -13.92 3.78
CA PRO A 108 35.49 -13.72 2.32
C PRO A 108 34.81 -14.86 1.60
N ASP A 109 35.05 -16.10 2.05
CA ASP A 109 34.45 -17.32 1.52
C ASP A 109 32.93 -17.22 1.60
N THR A 110 32.39 -16.69 2.73
CA THR A 110 30.95 -16.51 2.94
C THR A 110 30.43 -15.36 2.08
N VAL A 111 31.28 -14.37 1.79
CA VAL A 111 30.87 -13.24 0.96
C VAL A 111 30.81 -13.70 -0.51
N GLU A 112 31.86 -14.40 -1.00
CA GLU A 112 31.91 -14.92 -2.37
C GLU A 112 30.73 -15.87 -2.62
N ALA A 113 30.42 -16.71 -1.60
CA ALA A 113 29.32 -17.67 -1.61
C ALA A 113 27.97 -17.01 -1.87
N VAL A 114 27.69 -15.88 -1.15
CA VAL A 114 26.45 -15.11 -1.23
C VAL A 114 26.42 -14.34 -2.55
N ILE A 115 27.53 -13.64 -2.95
CA ILE A 115 27.60 -12.91 -4.24
C ILE A 115 27.30 -13.91 -5.39
N GLU A 116 27.95 -15.11 -5.38
CA GLU A 116 27.70 -16.11 -6.39
C GLU A 116 26.23 -16.49 -6.42
N TYR A 117 25.59 -16.60 -5.24
CA TYR A 117 24.17 -16.94 -5.12
C TYR A 117 23.33 -15.91 -5.87
N MET A 118 23.64 -14.60 -5.73
CA MET A 118 22.96 -13.53 -6.46
C MET A 118 23.04 -13.75 -7.97
N TYR A 119 24.11 -14.43 -8.49
CA TYR A 119 24.28 -14.72 -9.92
C TYR A 119 23.53 -15.98 -10.33
N THR A 120 23.82 -17.09 -9.65
CA THR A 120 23.40 -18.46 -9.91
C THR A 120 22.12 -18.98 -9.17
N GLY A 121 21.87 -18.49 -7.96
CA GLY A 121 20.75 -18.96 -7.15
C GLY A 121 21.05 -20.30 -6.50
N ARG A 122 22.35 -20.63 -6.39
CA ARG A 122 22.90 -21.85 -5.80
C ARG A 122 23.95 -21.48 -4.77
N ILE A 123 23.79 -22.03 -3.56
CA ILE A 123 24.69 -21.82 -2.42
C ILE A 123 24.68 -23.05 -1.52
N ARG A 124 25.81 -23.32 -0.86
CA ARG A 124 25.91 -24.37 0.15
C ARG A 124 26.06 -23.67 1.51
N VAL A 125 25.17 -23.96 2.46
CA VAL A 125 25.23 -23.35 3.79
C VAL A 125 25.70 -24.41 4.80
N SER A 126 26.88 -24.17 5.39
CA SER A 126 27.53 -25.05 6.36
C SER A 126 26.93 -24.83 7.76
N THR A 127 27.37 -25.61 8.75
CA THR A 127 26.93 -25.41 10.14
C THR A 127 27.50 -24.08 10.66
N GLY A 128 28.61 -23.65 10.06
CA GLY A 128 29.29 -22.41 10.39
C GLY A 128 28.83 -21.27 9.52
N SER A 129 28.77 -21.51 8.19
CA SER A 129 28.36 -20.54 7.18
C SER A 129 27.05 -19.82 7.54
N VAL A 130 25.99 -20.59 7.87
CA VAL A 130 24.61 -20.16 8.18
C VAL A 130 24.49 -18.79 8.95
N HIS A 131 25.34 -18.52 9.97
CA HIS A 131 25.28 -17.27 10.74
C HIS A 131 25.57 -16.04 9.84
N GLU A 132 26.75 -16.02 9.18
CA GLU A 132 27.17 -14.93 8.29
C GLU A 132 26.34 -14.91 7.02
N VAL A 133 25.90 -16.07 6.53
CA VAL A 133 25.02 -16.15 5.34
C VAL A 133 23.71 -15.40 5.66
N LEU A 134 23.07 -15.73 6.81
CA LEU A 134 21.81 -15.13 7.27
C LEU A 134 21.96 -13.61 7.46
N GLU A 135 23.17 -13.13 7.83
CA GLU A 135 23.50 -11.71 8.02
C GLU A 135 23.34 -10.97 6.70
N LEU A 136 24.17 -11.38 5.71
CA LEU A 136 24.17 -10.86 4.35
C LEU A 136 22.80 -11.03 3.68
N ALA A 137 22.25 -12.27 3.65
CA ALA A 137 20.93 -12.58 3.09
C ALA A 137 19.86 -11.59 3.57
N ASP A 138 19.79 -11.39 4.90
CA ASP A 138 18.86 -10.48 5.56
C ASP A 138 19.20 -9.00 5.25
N ARG A 139 20.49 -8.61 5.38
CA ARG A 139 20.92 -7.23 5.15
C ARG A 139 20.67 -6.77 3.71
N PHE A 140 21.05 -7.62 2.74
CA PHE A 140 20.98 -7.37 1.31
C PHE A 140 19.64 -7.76 0.72
N LEU A 141 18.63 -7.99 1.57
CA LEU A 141 17.23 -8.29 1.23
C LEU A 141 17.05 -9.45 0.21
N LEU A 142 17.85 -10.53 0.37
CA LEU A 142 17.80 -11.78 -0.40
C LEU A 142 16.88 -12.75 0.32
N ILE A 143 15.58 -12.42 0.33
CA ILE A 143 14.51 -13.10 1.06
C ILE A 143 14.39 -14.64 0.86
N ARG A 144 14.65 -15.18 -0.34
CA ARG A 144 14.57 -16.63 -0.54
C ARG A 144 15.78 -17.36 0.10
N LEU A 145 16.96 -16.69 0.18
CA LEU A 145 18.15 -17.23 0.84
C LEU A 145 17.93 -17.15 2.34
N LYS A 146 17.33 -16.03 2.84
CA LYS A 146 17.00 -15.84 4.25
C LYS A 146 16.04 -16.93 4.70
N GLU A 147 14.98 -17.17 3.89
CA GLU A 147 13.97 -18.21 4.06
C GLU A 147 14.63 -19.56 4.35
N PHE A 148 15.60 -19.99 3.46
CA PHE A 148 16.36 -21.25 3.53
C PHE A 148 17.05 -21.42 4.87
N CYS A 149 17.84 -20.41 5.29
CA CYS A 149 18.54 -20.37 6.57
C CYS A 149 17.57 -20.64 7.73
N GLY A 150 16.34 -20.09 7.60
CA GLY A 150 15.26 -20.26 8.57
C GLY A 150 14.74 -21.68 8.62
N GLU A 151 14.57 -22.29 7.41
CA GLU A 151 14.11 -23.67 7.26
C GLU A 151 15.25 -24.62 7.61
N PHE A 152 16.53 -24.15 7.52
CA PHE A 152 17.74 -24.91 7.86
C PHE A 152 17.87 -25.05 9.37
N LEU A 153 17.91 -23.90 10.09
CA LEU A 153 18.05 -23.84 11.53
C LEU A 153 16.90 -24.54 12.24
N LYS A 154 15.68 -24.52 11.63
CA LYS A 154 14.48 -25.20 12.13
C LYS A 154 14.75 -26.71 12.27
N LYS A 155 15.54 -27.27 11.32
CA LYS A 155 15.94 -28.69 11.32
C LYS A 155 17.06 -28.91 12.36
N LYS A 156 18.13 -28.06 12.33
CA LYS A 156 19.30 -28.13 13.24
C LYS A 156 18.97 -27.70 14.69
N LEU A 157 17.68 -27.46 15.00
CA LEU A 157 17.17 -27.02 16.30
C LEU A 157 17.25 -28.15 17.35
N HIS A 158 17.87 -27.86 18.52
CA HIS A 158 18.05 -28.85 19.60
C HIS A 158 18.01 -28.19 21.02
N LEU A 159 18.48 -28.92 22.06
CA LEU A 159 18.52 -28.45 23.45
C LEU A 159 19.63 -27.43 23.61
N SER A 160 20.79 -27.63 22.95
CA SER A 160 21.91 -26.68 23.01
C SER A 160 21.70 -25.55 21.99
N ASN A 161 21.28 -25.95 20.76
CA ASN A 161 21.03 -25.07 19.62
C ASN A 161 19.98 -23.97 19.93
N CYS A 162 18.87 -24.32 20.64
CA CYS A 162 17.70 -23.46 20.95
C CYS A 162 17.98 -22.02 21.45
N VAL A 163 18.87 -21.80 22.45
CA VAL A 163 19.09 -20.43 22.95
C VAL A 163 19.84 -19.58 21.90
N ALA A 164 20.87 -20.15 21.24
CA ALA A 164 21.63 -19.44 20.20
C ALA A 164 20.76 -19.14 18.97
N ILE A 165 19.95 -20.14 18.52
CA ILE A 165 19.03 -20.03 17.38
C ILE A 165 17.96 -18.99 17.68
N HIS A 166 17.41 -18.95 18.94
CA HIS A 166 16.42 -17.94 19.28
C HIS A 166 16.99 -16.52 19.10
N SER A 167 18.20 -16.24 19.65
CA SER A 167 18.87 -14.94 19.51
C SER A 167 19.07 -14.58 18.00
N LEU A 168 19.20 -15.59 17.11
CA LEU A 168 19.32 -15.37 15.65
C LEU A 168 17.98 -15.03 15.08
N ALA A 169 17.00 -15.95 15.19
CA ALA A 169 15.63 -15.80 14.71
C ALA A 169 14.96 -14.50 15.21
N HIS A 170 15.28 -14.08 16.45
CA HIS A 170 14.76 -12.84 17.01
C HIS A 170 15.42 -11.65 16.33
N MET A 171 16.75 -11.69 16.14
CA MET A 171 17.48 -10.57 15.51
C MET A 171 17.16 -10.37 14.05
N TYR A 172 17.07 -11.47 13.29
CA TYR A 172 16.87 -11.40 11.85
C TYR A 172 15.41 -11.64 11.43
N THR A 173 14.45 -11.31 12.31
CA THR A 173 13.01 -11.38 12.11
C THR A 173 12.59 -12.71 11.33
N LEU A 174 12.96 -13.88 11.90
CA LEU A 174 12.57 -15.22 11.43
C LEU A 174 11.51 -15.73 12.42
N SER A 175 10.33 -15.07 12.37
CA SER A 175 9.14 -15.24 13.24
C SER A 175 8.67 -16.68 13.44
N GLN A 176 8.59 -17.49 12.36
CA GLN A 176 8.17 -18.89 12.40
C GLN A 176 9.14 -19.72 13.24
N LEU A 177 10.47 -19.50 13.02
CA LEU A 177 11.58 -20.15 13.71
C LEU A 177 11.70 -19.66 15.15
N ALA A 178 11.52 -18.34 15.39
CA ALA A 178 11.58 -17.70 16.72
C ALA A 178 10.62 -18.33 17.70
N LEU A 179 9.42 -18.69 17.19
CA LEU A 179 8.33 -19.31 17.92
C LEU A 179 8.69 -20.74 18.29
N LYS A 180 9.25 -21.51 17.35
CA LYS A 180 9.66 -22.90 17.61
C LYS A 180 10.84 -22.94 18.57
N ALA A 181 11.76 -21.95 18.49
CA ALA A 181 12.92 -21.86 19.37
C ALA A 181 12.49 -21.41 20.75
N ALA A 182 11.55 -20.43 20.82
CA ALA A 182 11.00 -19.90 22.08
C ALA A 182 10.30 -21.00 22.88
N ASP A 183 9.42 -21.80 22.20
CA ASP A 183 8.64 -22.90 22.78
C ASP A 183 9.55 -23.95 23.43
N MET A 184 10.67 -24.34 22.74
CA MET A 184 11.66 -25.28 23.26
C MET A 184 12.40 -24.69 24.49
N ILE A 185 12.57 -23.33 24.54
CA ILE A 185 13.19 -22.64 25.69
C ILE A 185 12.18 -22.57 26.85
N ARG A 186 10.88 -22.28 26.56
CA ARG A 186 9.81 -22.21 27.58
C ARG A 186 9.59 -23.57 28.27
N ARG A 187 9.66 -24.67 27.49
CA ARG A 187 9.49 -26.05 27.95
C ARG A 187 10.71 -26.51 28.76
N ASN A 188 11.93 -26.11 28.34
CA ASN A 188 13.17 -26.48 29.00
C ASN A 188 13.90 -25.27 29.61
N PHE A 189 13.15 -24.37 30.29
CA PHE A 189 13.69 -23.15 30.92
C PHE A 189 14.58 -23.46 32.12
N HIS A 190 14.09 -24.30 33.07
CA HIS A 190 14.77 -24.75 34.29
C HIS A 190 16.21 -25.25 34.01
N LYS A 191 16.44 -25.88 32.85
CA LYS A 191 17.74 -26.42 32.40
C LYS A 191 18.53 -25.41 31.51
N VAL A 192 17.83 -24.52 30.76
CA VAL A 192 18.47 -23.53 29.88
C VAL A 192 19.19 -22.46 30.70
N ILE A 193 18.67 -22.16 31.91
CA ILE A 193 19.27 -21.20 32.84
C ILE A 193 20.46 -21.83 33.59
N GLN A 194 20.68 -23.16 33.45
CA GLN A 194 21.82 -23.84 34.07
C GLN A 194 23.08 -23.62 33.21
N ASP A 195 22.96 -23.83 31.88
CA ASP A 195 24.05 -23.62 30.91
C ASP A 195 24.31 -22.13 30.69
N GLU A 196 25.61 -21.76 30.62
CA GLU A 196 26.12 -20.39 30.45
C GLU A 196 25.60 -19.69 29.18
N GLU A 197 25.10 -20.48 28.19
CA GLU A 197 24.58 -19.99 26.90
C GLU A 197 23.56 -18.85 27.07
N PHE A 198 22.68 -18.94 28.09
CA PHE A 198 21.64 -17.94 28.39
C PHE A 198 22.23 -16.61 28.88
N TYR A 199 23.33 -16.64 29.63
CA TYR A 199 23.94 -15.46 30.26
C TYR A 199 24.72 -14.59 29.28
N THR A 200 24.57 -14.88 27.99
CA THR A 200 25.13 -14.16 26.85
C THR A 200 24.09 -13.16 26.33
N LEU A 201 22.79 -13.56 26.37
CA LEU A 201 21.61 -12.85 25.87
C LEU A 201 21.61 -11.34 26.22
N PRO A 202 21.15 -10.48 25.28
CA PRO A 202 21.12 -9.03 25.55
C PRO A 202 20.01 -8.67 26.54
N PHE A 203 20.10 -7.48 27.16
CA PHE A 203 19.09 -7.06 28.14
C PHE A 203 17.66 -7.24 27.63
N HIS A 204 17.30 -6.67 26.46
CA HIS A 204 15.93 -6.71 25.96
C HIS A 204 15.38 -8.15 25.90
N LEU A 205 16.25 -9.16 25.68
CA LEU A 205 15.81 -10.56 25.66
C LEU A 205 15.61 -11.12 27.09
N ILE A 206 16.44 -10.70 28.06
CA ILE A 206 16.29 -11.11 29.47
C ILE A 206 14.97 -10.55 29.95
N ARG A 207 14.76 -9.24 29.77
CA ARG A 207 13.55 -8.47 30.05
C ARG A 207 12.31 -9.24 29.52
N ASP A 208 12.31 -9.59 28.23
CA ASP A 208 11.21 -10.29 27.55
C ASP A 208 11.00 -11.72 28.09
N TRP A 209 12.07 -12.38 28.63
CA TRP A 209 11.97 -13.75 29.18
C TRP A 209 11.34 -13.74 30.57
N LEU A 210 11.73 -12.77 31.39
CA LEU A 210 11.24 -12.57 32.76
C LEU A 210 9.76 -12.19 32.76
N SER A 211 9.32 -11.40 31.78
CA SER A 211 7.94 -10.96 31.61
C SER A 211 7.11 -11.97 30.77
N ASP A 212 7.74 -13.06 30.23
CA ASP A 212 7.08 -14.14 29.49
C ASP A 212 6.37 -15.01 30.53
N LEU A 213 5.07 -15.27 30.34
CA LEU A 213 4.32 -16.01 31.35
C LEU A 213 4.33 -17.53 31.15
N GLU A 214 4.46 -18.01 29.90
CA GLU A 214 4.44 -19.44 29.60
C GLU A 214 5.79 -20.16 29.93
N ILE A 215 6.71 -19.49 30.67
CA ILE A 215 8.00 -20.05 31.08
C ILE A 215 7.75 -21.11 32.17
N THR A 216 8.54 -22.20 32.15
CA THR A 216 8.37 -23.29 33.13
C THR A 216 9.65 -23.49 34.00
N VAL A 217 9.62 -22.92 35.24
CA VAL A 217 10.70 -23.00 36.25
C VAL A 217 10.13 -23.66 37.55
N ASP A 218 10.99 -24.18 38.45
CA ASP A 218 10.56 -24.83 39.71
C ASP A 218 9.88 -23.82 40.66
N SER A 219 10.52 -22.65 40.91
CA SER A 219 10.03 -21.55 41.77
C SER A 219 10.50 -20.18 41.27
N GLU A 220 9.77 -19.09 41.61
CA GLU A 220 10.07 -17.70 41.20
C GLU A 220 11.38 -17.16 41.81
N GLU A 221 11.86 -17.76 42.91
CA GLU A 221 13.09 -17.40 43.62
C GLU A 221 14.35 -17.65 42.76
N VAL A 222 14.28 -18.67 41.89
CA VAL A 222 15.33 -19.09 40.95
C VAL A 222 15.58 -17.97 39.93
N LEU A 223 14.49 -17.28 39.47
CA LEU A 223 14.55 -16.18 38.51
C LEU A 223 15.41 -15.03 39.04
N PHE A 224 15.32 -14.74 40.35
CA PHE A 224 16.14 -13.73 41.01
C PHE A 224 17.62 -14.14 40.94
N GLU A 225 17.93 -15.42 41.25
CA GLU A 225 19.28 -15.99 41.24
C GLU A 225 19.89 -15.91 39.82
N THR A 226 19.03 -15.87 38.76
CA THR A 226 19.46 -15.76 37.34
C THR A 226 19.65 -14.28 36.95
N VAL A 227 18.86 -13.36 37.56
CA VAL A 227 18.98 -11.92 37.33
C VAL A 227 20.34 -11.47 37.90
N LEU A 228 20.63 -11.90 39.16
CA LEU A 228 21.87 -11.61 39.89
C LEU A 228 23.10 -12.21 39.18
N LYS A 229 22.95 -13.43 38.62
CA LYS A 229 24.03 -14.14 37.91
C LYS A 229 24.40 -13.42 36.60
N TRP A 230 23.39 -13.08 35.77
CA TRP A 230 23.54 -12.40 34.48
C TRP A 230 24.08 -10.97 34.63
N VAL A 231 23.53 -10.18 35.59
CA VAL A 231 23.94 -8.78 35.79
C VAL A 231 25.45 -8.73 36.20
N GLN A 232 25.91 -9.70 37.03
CA GLN A 232 27.28 -9.82 37.56
C GLN A 232 28.35 -9.95 36.47
N ARG A 233 28.04 -10.65 35.34
CA ARG A 233 28.95 -10.93 34.22
C ARG A 233 29.61 -9.64 33.66
N ASN A 234 28.84 -8.76 32.99
CA ASN A 234 29.39 -7.50 32.45
C ASN A 234 28.90 -6.35 33.33
N ALA A 235 29.14 -6.49 34.65
CA ALA A 235 28.76 -5.59 35.74
C ALA A 235 28.83 -4.09 35.36
N GLU A 236 29.95 -3.64 34.78
CA GLU A 236 30.19 -2.25 34.37
C GLU A 236 29.11 -1.70 33.40
N GLU A 237 28.65 -2.52 32.42
CA GLU A 237 27.63 -2.12 31.44
C GLU A 237 26.22 -2.63 31.79
N ARG A 238 26.11 -3.81 32.45
CA ARG A 238 24.86 -4.50 32.81
C ARG A 238 24.16 -4.03 34.11
N GLU A 239 24.86 -3.33 35.03
CA GLU A 239 24.28 -2.88 36.31
C GLU A 239 23.07 -1.94 36.14
N ARG A 240 23.10 -1.06 35.11
CA ARG A 240 22.06 -0.06 34.81
C ARG A 240 20.64 -0.65 34.75
N TYR A 241 20.53 -1.81 34.07
CA TYR A 241 19.30 -2.55 33.80
C TYR A 241 18.63 -3.11 35.08
N PHE A 242 19.41 -3.75 35.99
CA PHE A 242 18.97 -4.42 37.24
C PHE A 242 17.64 -3.91 37.83
N GLU A 243 17.49 -2.58 38.04
CA GLU A 243 16.27 -2.00 38.61
C GLU A 243 15.01 -2.35 37.79
N GLU A 244 15.08 -2.21 36.43
CA GLU A 244 13.97 -2.55 35.50
C GLU A 244 13.66 -4.04 35.56
N LEU A 245 14.72 -4.88 35.62
CA LEU A 245 14.66 -6.35 35.69
C LEU A 245 14.11 -6.81 37.02
N PHE A 246 14.38 -6.08 38.12
CA PHE A 246 13.89 -6.43 39.46
C PHE A 246 12.37 -6.20 39.55
N LYS A 247 11.87 -5.19 38.80
CA LYS A 247 10.46 -4.83 38.75
C LYS A 247 9.64 -5.95 38.11
N LEU A 248 10.25 -6.67 37.17
CA LEU A 248 9.65 -7.81 36.45
C LEU A 248 9.45 -9.02 37.35
N LEU A 249 10.31 -9.16 38.40
CA LEU A 249 10.26 -10.25 39.37
C LEU A 249 8.95 -10.19 40.17
N ARG A 250 8.19 -11.30 40.14
CA ARG A 250 6.91 -11.45 40.83
C ARG A 250 7.17 -11.87 42.28
N LEU A 251 7.52 -10.88 43.13
CA LEU A 251 7.90 -11.02 44.53
C LEU A 251 6.78 -11.63 45.41
N SER A 252 5.55 -11.68 44.87
CA SER A 252 4.38 -12.27 45.52
C SER A 252 4.53 -13.79 45.63
N GLN A 253 5.01 -14.45 44.55
CA GLN A 253 5.22 -15.90 44.44
C GLN A 253 6.52 -16.39 45.13
N MET A 254 7.29 -15.47 45.77
CA MET A 254 8.54 -15.81 46.46
C MET A 254 8.28 -15.98 47.94
N LYS A 255 9.00 -16.92 48.60
CA LYS A 255 8.85 -17.21 50.03
C LYS A 255 9.36 -16.02 50.90
N PRO A 256 8.61 -15.63 51.96
CA PRO A 256 9.06 -14.51 52.82
C PRO A 256 10.41 -14.75 53.51
N THR A 257 10.74 -16.03 53.81
CA THR A 257 12.01 -16.44 54.42
C THR A 257 13.17 -16.09 53.48
N TYR A 258 12.98 -16.31 52.16
CA TYR A 258 13.96 -16.02 51.10
C TYR A 258 14.14 -14.51 50.92
N LEU A 259 13.03 -13.75 50.86
CA LEU A 259 13.03 -12.30 50.64
C LEU A 259 13.78 -11.55 51.76
N THR A 260 13.58 -11.98 53.02
CA THR A 260 14.18 -11.40 54.21
C THR A 260 15.67 -11.72 54.33
N ARG A 261 16.05 -12.99 54.09
CA ARG A 261 17.42 -13.48 54.26
C ARG A 261 18.34 -13.39 53.01
N HIS A 262 17.81 -13.55 51.79
CA HIS A 262 18.67 -13.56 50.59
C HIS A 262 18.47 -12.37 49.65
N VAL A 263 17.20 -11.95 49.43
CA VAL A 263 16.89 -10.82 48.52
C VAL A 263 17.31 -9.49 49.15
N LYS A 264 16.70 -9.11 50.31
CA LYS A 264 16.96 -7.85 51.03
C LYS A 264 18.47 -7.55 51.29
N PRO A 265 19.33 -8.52 51.72
CA PRO A 265 20.74 -8.16 52.01
C PRO A 265 21.67 -7.99 50.80
N GLU A 266 21.20 -8.21 49.54
CA GLU A 266 22.05 -8.05 48.35
C GLU A 266 22.45 -6.60 48.13
N ARG A 267 23.76 -6.32 47.98
CA ARG A 267 24.31 -4.97 47.79
C ARG A 267 23.68 -4.29 46.57
N LEU A 268 23.36 -5.07 45.52
CA LEU A 268 22.75 -4.65 44.26
C LEU A 268 21.31 -4.17 44.49
N VAL A 269 20.62 -4.76 45.50
CA VAL A 269 19.26 -4.40 45.87
C VAL A 269 19.27 -3.36 47.03
N ALA A 270 20.32 -3.36 47.88
CA ALA A 270 20.44 -2.43 49.01
C ALA A 270 20.83 -1.03 48.53
N ASN A 271 21.52 -0.93 47.37
CA ASN A 271 21.95 0.33 46.76
C ASN A 271 20.74 1.17 46.30
N ASN A 272 19.86 0.60 45.45
CA ASN A 272 18.67 1.28 44.94
C ASN A 272 17.56 1.26 46.00
N GLU A 273 16.97 2.44 46.29
CA GLU A 273 15.92 2.62 47.29
C GLU A 273 14.51 2.36 46.70
N VAL A 274 14.41 2.23 45.37
CA VAL A 274 13.15 1.98 44.65
C VAL A 274 12.67 0.54 44.93
N CYS A 275 13.63 -0.40 44.94
CA CYS A 275 13.43 -1.83 45.13
C CYS A 275 13.37 -2.24 46.59
N VAL A 276 13.99 -1.46 47.51
CA VAL A 276 13.91 -1.77 48.95
C VAL A 276 12.47 -1.57 49.41
N LYS A 277 11.74 -0.62 48.78
CA LYS A 277 10.33 -0.33 49.03
C LYS A 277 9.46 -1.45 48.46
N LEU A 278 9.82 -1.95 47.26
CA LEU A 278 9.08 -3.03 46.60
C LEU A 278 9.28 -4.36 47.34
N VAL A 279 10.49 -4.59 47.90
CA VAL A 279 10.79 -5.82 48.65
C VAL A 279 10.11 -5.71 50.03
N ALA A 280 9.88 -4.48 50.53
CA ALA A 280 9.22 -4.23 51.80
C ALA A 280 7.72 -4.45 51.69
N ASP A 281 7.10 -4.01 50.57
CA ASP A 281 5.67 -4.17 50.32
C ASP A 281 5.33 -5.63 50.11
N ALA A 282 6.28 -6.39 49.53
CA ALA A 282 6.16 -7.82 49.24
C ALA A 282 6.09 -8.63 50.52
N VAL A 283 6.91 -8.28 51.54
CA VAL A 283 6.92 -8.92 52.85
C VAL A 283 5.65 -8.49 53.58
N GLU A 284 5.26 -7.20 53.41
CA GLU A 284 4.06 -6.57 53.99
C GLU A 284 2.79 -7.31 53.52
N ARG A 285 2.74 -7.65 52.21
CA ARG A 285 1.64 -8.36 51.55
C ARG A 285 1.47 -9.80 52.06
N HIS A 286 2.60 -10.52 52.32
CA HIS A 286 2.61 -11.91 52.81
C HIS A 286 2.06 -11.99 54.23
N ALA A 287 2.44 -11.03 55.09
CA ALA A 287 1.95 -10.92 56.45
C ALA A 287 0.46 -10.56 56.42
N LEU A 288 0.07 -9.72 55.43
CA LEU A 288 -1.31 -9.28 55.20
C LEU A 288 -2.20 -10.40 54.58
N ARG A 289 -1.59 -11.48 54.06
CA ARG A 289 -2.34 -12.60 53.48
C ARG A 289 -3.00 -13.48 54.58
N ALA A 290 -2.49 -13.44 55.83
CA ALA A 290 -3.02 -14.23 56.94
C ALA A 290 -4.38 -13.69 57.39
N MET B 3 22.67 -0.10 20.45
CA MET B 3 23.52 0.26 21.60
C MET B 3 22.81 1.28 22.54
N ASP B 4 23.60 2.03 23.40
CA ASP B 4 23.04 2.99 24.37
CA ASP B 4 23.09 3.02 24.36
C ASP B 4 22.10 4.00 23.70
N GLU B 5 21.14 4.52 24.48
CA GLU B 5 20.09 5.48 24.11
C GLU B 5 20.67 6.64 23.30
N LYS B 6 21.85 7.15 23.67
CA LYS B 6 22.52 8.28 23.01
C LYS B 6 22.97 7.90 21.61
N TYR B 7 23.63 6.74 21.46
CA TYR B 7 24.10 6.24 20.17
C TYR B 7 22.94 6.08 19.19
N VAL B 8 21.80 5.54 19.66
CA VAL B 8 20.58 5.34 18.86
C VAL B 8 20.07 6.71 18.39
N ASN B 9 20.10 7.72 19.27
CA ASN B 9 19.70 9.07 18.94
C ASN B 9 20.69 9.73 17.97
N SER B 10 21.95 9.24 17.93
CA SER B 10 22.95 9.74 16.98
C SER B 10 22.52 9.37 15.59
N ILE B 11 22.25 8.03 15.41
CA ILE B 11 21.75 7.39 14.18
C ILE B 11 20.49 8.14 13.71
N TRP B 12 19.44 8.23 14.56
CA TRP B 12 18.22 8.90 14.15
C TRP B 12 18.46 10.34 13.73
N ASP B 13 19.35 11.08 14.42
CA ASP B 13 19.59 12.47 14.03
C ASP B 13 20.14 12.53 12.61
N LEU B 14 21.03 11.58 12.25
CA LEU B 14 21.62 11.46 10.91
C LEU B 14 20.55 11.24 9.81
N LEU B 15 19.62 10.30 10.03
CA LEU B 15 18.52 9.96 9.11
C LEU B 15 17.51 11.10 8.98
N LYS B 16 17.17 11.76 10.10
CA LYS B 16 16.23 12.91 10.18
C LYS B 16 16.74 14.04 9.28
N ASN B 17 18.05 14.30 9.31
CA ASN B 17 18.69 15.33 8.51
C ASN B 17 18.65 14.92 7.02
N ALA B 18 18.94 13.64 6.73
CA ALA B 18 18.89 13.08 5.39
C ALA B 18 17.48 13.19 4.82
N ILE B 19 16.44 12.80 5.61
CA ILE B 19 15.03 12.86 5.19
C ILE B 19 14.67 14.31 4.83
N GLN B 20 15.02 15.27 5.72
CA GLN B 20 14.79 16.71 5.53
C GLN B 20 15.54 17.27 4.32
N GLU B 21 16.79 16.82 4.10
CA GLU B 21 17.58 17.22 2.93
C GLU B 21 16.86 16.78 1.66
N ILE B 22 16.39 15.50 1.61
CA ILE B 22 15.62 14.89 0.50
C ILE B 22 14.40 15.78 0.23
N GLN B 23 13.65 16.09 1.31
CA GLN B 23 12.43 16.91 1.31
C GLN B 23 12.70 18.26 0.67
N ARG B 24 13.88 18.85 0.98
CA ARG B 24 14.40 20.13 0.49
C ARG B 24 15.03 20.00 -0.93
N LYS B 25 14.91 18.83 -1.58
CA LYS B 25 15.46 18.49 -2.91
C LYS B 25 17.02 18.63 -2.87
N ASN B 26 17.70 17.71 -2.13
CA ASN B 26 19.15 17.67 -1.99
C ASN B 26 19.74 16.22 -1.95
N ASN B 27 19.05 15.29 -2.66
CA ASN B 27 19.32 13.85 -2.86
C ASN B 27 20.82 13.45 -3.07
N SER B 28 21.57 14.28 -3.85
CA SER B 28 22.96 14.10 -4.34
C SER B 28 24.06 13.82 -3.29
N GLY B 29 24.23 14.72 -2.30
CA GLY B 29 25.28 14.62 -1.29
C GLY B 29 25.29 13.39 -0.41
N LEU B 30 24.13 12.69 -0.35
CA LEU B 30 23.83 11.53 0.48
C LEU B 30 24.42 10.21 -0.06
N SER B 31 24.97 9.35 0.83
CA SER B 31 25.46 7.98 0.53
C SER B 31 24.35 7.02 0.82
N PHE B 32 23.92 6.24 -0.20
CA PHE B 32 22.83 5.28 -0.02
C PHE B 32 23.16 4.21 1.00
N GLU B 33 24.37 3.60 0.92
CA GLU B 33 24.72 2.56 1.86
C GLU B 33 24.84 3.13 3.28
N GLU B 34 25.40 4.35 3.49
CA GLU B 34 25.48 4.89 4.86
C GLU B 34 24.10 5.02 5.49
N LEU B 35 23.19 5.75 4.83
CA LEU B 35 21.83 5.96 5.30
C LEU B 35 21.04 4.65 5.47
N TYR B 36 21.14 3.72 4.50
CA TYR B 36 20.44 2.42 4.58
C TYR B 36 20.94 1.62 5.80
N ARG B 37 22.27 1.62 6.05
CA ARG B 37 22.89 0.92 7.16
C ARG B 37 22.42 1.49 8.47
N ASN B 38 22.31 2.82 8.55
CA ASN B 38 21.86 3.46 9.79
C ASN B 38 20.41 3.05 10.10
N ALA B 39 19.50 3.08 9.09
CA ALA B 39 18.10 2.65 9.21
C ALA B 39 17.99 1.17 9.60
N TYR B 40 18.87 0.34 8.99
CA TYR B 40 19.01 -1.10 9.21
C TYR B 40 19.43 -1.38 10.65
N THR B 41 20.44 -0.63 11.13
CA THR B 41 20.98 -0.78 12.47
C THR B 41 19.90 -0.49 13.52
N MET B 42 19.06 0.51 13.27
CA MET B 42 17.97 0.83 14.17
C MET B 42 16.95 -0.30 14.22
N VAL B 43 16.43 -0.75 13.05
CA VAL B 43 15.43 -1.83 12.98
C VAL B 43 16.05 -3.15 13.48
N LEU B 44 17.31 -3.42 13.15
CA LEU B 44 17.98 -4.64 13.60
C LEU B 44 18.07 -4.72 15.13
N HIS B 45 18.29 -3.56 15.78
CA HIS B 45 18.47 -3.51 17.22
C HIS B 45 17.15 -3.16 17.94
N LYS B 46 16.03 -3.43 17.24
CA LYS B 46 14.65 -3.32 17.70
C LYS B 46 14.29 -1.86 18.12
N HIS B 47 14.74 -0.89 17.32
CA HIS B 47 14.43 0.51 17.56
C HIS B 47 13.54 1.03 16.45
N GLY B 48 12.87 0.11 15.74
CA GLY B 48 11.98 0.38 14.61
C GLY B 48 10.89 1.40 14.86
N GLU B 49 10.24 1.30 16.05
CA GLU B 49 9.17 2.21 16.45
C GLU B 49 9.70 3.62 16.56
N LYS B 50 10.92 3.81 17.14
CA LYS B 50 11.58 5.13 17.25
C LYS B 50 11.73 5.71 15.84
N LEU B 51 12.22 4.87 14.88
CA LEU B 51 12.40 5.21 13.48
C LEU B 51 11.08 5.54 12.80
N TYR B 52 10.07 4.65 12.93
CA TYR B 52 8.77 4.84 12.32
C TYR B 52 8.09 6.10 12.88
N THR B 53 8.11 6.28 14.21
CA THR B 53 7.53 7.43 14.89
C THR B 53 8.23 8.69 14.41
N GLY B 54 9.56 8.64 14.32
CA GLY B 54 10.37 9.73 13.82
C GLY B 54 10.00 10.08 12.39
N LEU B 55 9.82 9.04 11.53
CA LEU B 55 9.45 9.19 10.11
C LEU B 55 8.13 9.95 10.00
N ARG B 56 7.11 9.50 10.76
CA ARG B 56 5.77 10.07 10.77
C ARG B 56 5.80 11.55 11.17
N GLU B 57 6.78 11.98 11.99
CA GLU B 57 6.93 13.35 12.47
C GLU B 57 7.53 14.25 11.38
N VAL B 58 8.76 13.89 10.93
CA VAL B 58 9.55 14.60 9.92
C VAL B 58 8.73 14.90 8.66
N VAL B 59 7.90 13.95 8.20
CA VAL B 59 7.00 14.09 7.05
C VAL B 59 5.83 15.01 7.43
N THR B 60 5.09 14.69 8.54
CA THR B 60 3.93 15.47 8.98
C THR B 60 4.31 16.93 9.08
N GLU B 61 5.41 17.27 9.80
CA GLU B 61 5.92 18.63 9.99
C GLU B 61 6.23 19.31 8.64
N HIS B 62 6.91 18.63 7.70
CA HIS B 62 7.28 19.19 6.40
C HIS B 62 6.03 19.61 5.59
N LEU B 63 5.09 18.68 5.43
CA LEU B 63 3.88 18.90 4.67
C LEU B 63 2.96 19.92 5.32
N ILE B 64 2.91 19.99 6.66
CA ILE B 64 2.03 20.99 7.32
C ILE B 64 2.69 22.38 7.22
N ASN B 65 3.94 22.50 7.65
CA ASN B 65 4.64 23.79 7.70
C ASN B 65 5.09 24.30 6.32
N LYS B 66 5.59 23.46 5.40
CA LYS B 66 6.04 23.98 4.12
C LYS B 66 5.05 23.76 3.00
N VAL B 67 4.62 22.51 2.76
CA VAL B 67 3.80 22.19 1.61
C VAL B 67 2.37 22.77 1.68
N ARG B 68 1.63 22.53 2.79
CA ARG B 68 0.27 23.07 2.94
C ARG B 68 0.24 24.55 2.72
N GLU B 69 1.26 25.24 3.28
CA GLU B 69 1.41 26.68 3.19
C GLU B 69 1.57 27.12 1.74
N ASP B 70 2.47 26.47 1.01
CA ASP B 70 2.71 26.78 -0.41
C ASP B 70 1.41 26.75 -1.23
N VAL B 71 0.62 25.64 -1.11
CA VAL B 71 -0.65 25.42 -1.80
C VAL B 71 -1.66 26.51 -1.39
N LEU B 72 -1.70 26.87 -0.09
CA LEU B 72 -2.61 27.88 0.40
C LEU B 72 -2.25 29.25 -0.16
N ASN B 73 -0.95 29.66 -0.07
CA ASN B 73 -0.42 30.95 -0.57
C ASN B 73 -0.67 31.13 -2.07
N SER B 74 -0.88 30.01 -2.79
CA SER B 74 -1.18 30.05 -4.21
C SER B 74 -2.52 29.37 -4.44
N LEU B 75 -3.61 30.02 -3.95
CA LEU B 75 -5.01 29.58 -4.07
C LEU B 75 -5.66 30.25 -5.26
N ASN B 76 -5.52 31.57 -5.34
CA ASN B 76 -6.10 32.37 -6.42
C ASN B 76 -4.99 32.78 -7.43
N ASN B 77 -3.84 32.05 -7.40
CA ASN B 77 -2.69 32.26 -8.27
C ASN B 77 -2.07 30.90 -8.65
N ASN B 78 -2.59 30.26 -9.74
CA ASN B 78 -2.12 28.98 -10.30
C ASN B 78 -2.24 27.88 -9.25
N PHE B 79 -3.47 27.63 -8.79
CA PHE B 79 -3.75 26.67 -7.74
C PHE B 79 -3.39 25.22 -8.12
N LEU B 80 -4.03 24.66 -9.16
CA LEU B 80 -3.84 23.26 -9.56
C LEU B 80 -2.39 22.96 -9.88
N GLN B 81 -1.69 23.92 -10.49
CA GLN B 81 -0.29 23.79 -10.85
C GLN B 81 0.53 23.72 -9.59
N THR B 82 0.32 24.67 -8.64
CA THR B 82 0.99 24.70 -7.34
C THR B 82 0.66 23.41 -6.57
N LEU B 83 -0.50 22.81 -6.85
CA LEU B 83 -0.92 21.60 -6.17
C LEU B 83 -0.26 20.37 -6.81
N ASN B 84 -0.15 20.32 -8.17
CA ASN B 84 0.47 19.16 -8.81
C ASN B 84 1.94 19.14 -8.51
N GLN B 85 2.61 20.32 -8.56
CA GLN B 85 4.03 20.44 -8.22
C GLN B 85 4.26 19.96 -6.79
N ALA B 86 3.37 20.34 -5.84
CA ALA B 86 3.42 19.87 -4.46
C ALA B 86 3.41 18.34 -4.41
N TRP B 87 2.44 17.72 -5.16
CA TRP B 87 2.20 16.28 -5.30
C TRP B 87 3.40 15.57 -5.94
N ASN B 88 3.95 16.13 -7.03
CA ASN B 88 5.09 15.54 -7.72
C ASN B 88 6.34 15.55 -6.83
N ASP B 89 6.68 16.73 -6.26
CA ASP B 89 7.81 16.90 -5.37
C ASP B 89 7.71 15.89 -4.23
N HIS B 90 6.48 15.66 -3.74
CA HIS B 90 6.21 14.71 -2.66
C HIS B 90 6.54 13.28 -3.10
N GLN B 91 5.85 12.79 -4.17
CA GLN B 91 6.02 11.47 -4.78
C GLN B 91 7.50 11.16 -4.94
N THR B 92 8.25 12.10 -5.56
CA THR B 92 9.70 12.03 -5.80
C THR B 92 10.51 11.83 -4.49
N ALA B 93 10.15 12.59 -3.43
CA ALA B 93 10.84 12.53 -2.14
C ALA B 93 10.55 11.23 -1.44
N MET B 94 9.24 10.86 -1.36
CA MET B 94 8.76 9.65 -0.70
C MET B 94 9.35 8.39 -1.31
N VAL B 95 9.74 8.44 -2.58
CA VAL B 95 10.36 7.29 -3.23
C VAL B 95 11.78 7.11 -2.64
N MET B 96 12.53 8.20 -2.52
CA MET B 96 13.89 8.19 -1.97
C MET B 96 13.92 7.93 -0.50
N ILE B 97 12.88 8.40 0.22
CA ILE B 97 12.76 8.19 1.67
C ILE B 97 12.53 6.68 1.92
N ARG B 98 11.60 6.07 1.16
CA ARG B 98 11.24 4.65 1.16
C ARG B 98 12.45 3.77 0.83
N ASP B 99 13.35 4.28 -0.01
CA ASP B 99 14.50 3.47 -0.39
C ASP B 99 15.54 3.43 0.71
N ILE B 100 15.88 4.56 1.34
CA ILE B 100 16.88 4.54 2.43
C ILE B 100 16.33 3.73 3.63
N LEU B 101 15.00 3.64 3.76
CA LEU B 101 14.32 2.93 4.86
C LEU B 101 13.69 1.60 4.35
N MET B 102 14.34 1.01 3.35
CA MET B 102 13.86 -0.22 2.73
C MET B 102 13.79 -1.38 3.70
N TYR B 103 14.80 -1.54 4.61
CA TYR B 103 14.85 -2.66 5.58
C TYR B 103 13.70 -2.55 6.58
N MET B 104 13.32 -1.31 6.98
CA MET B 104 12.16 -1.09 7.85
C MET B 104 10.85 -1.55 7.15
N ASP B 105 10.70 -1.27 5.84
CA ASP B 105 9.53 -1.66 5.04
C ASP B 105 9.37 -3.17 4.93
N ARG B 106 10.50 -3.87 4.79
CA ARG B 106 10.54 -5.32 4.63
C ARG B 106 10.44 -6.07 5.95
N VAL B 107 11.05 -5.55 7.02
CA VAL B 107 11.10 -6.23 8.32
C VAL B 107 10.07 -5.68 9.34
N TYR B 108 10.20 -4.41 9.77
CA TYR B 108 9.34 -3.78 10.79
C TYR B 108 7.89 -3.61 10.35
N VAL B 109 7.63 -2.82 9.29
CA VAL B 109 6.31 -2.45 8.75
C VAL B 109 5.38 -3.69 8.64
N GLN B 110 5.93 -4.77 8.02
CA GLN B 110 5.26 -6.06 7.84
C GLN B 110 4.83 -6.64 9.22
N GLN B 111 5.84 -7.07 10.02
CA GLN B 111 5.72 -7.63 11.36
C GLN B 111 4.91 -6.80 12.41
N ASN B 112 4.78 -5.47 12.26
CA ASN B 112 4.12 -4.65 13.30
C ASN B 112 2.79 -3.99 12.93
N ASN B 113 2.08 -4.52 11.92
CA ASN B 113 0.75 -4.04 11.46
C ASN B 113 0.66 -2.46 11.41
N VAL B 114 1.47 -1.84 10.53
CA VAL B 114 1.52 -0.40 10.25
C VAL B 114 1.60 -0.18 8.74
N GLU B 115 1.29 1.03 8.27
CA GLU B 115 1.39 1.34 6.84
C GLU B 115 2.84 1.34 6.40
N ASN B 116 3.08 1.07 5.11
CA ASN B 116 4.44 1.07 4.60
C ASN B 116 4.84 2.49 4.34
N VAL B 117 6.15 2.77 4.38
CA VAL B 117 6.70 4.12 4.19
C VAL B 117 5.95 4.90 3.08
N TYR B 118 5.85 4.36 1.84
CA TYR B 118 5.16 5.09 0.77
C TYR B 118 3.68 5.32 1.10
N ASN B 119 2.96 4.27 1.55
CA ASN B 119 1.56 4.43 1.93
C ASN B 119 1.37 5.44 3.07
N LEU B 120 2.27 5.47 4.07
CA LEU B 120 2.23 6.46 5.15
C LEU B 120 2.37 7.89 4.55
N GLY B 121 3.34 8.08 3.66
CA GLY B 121 3.59 9.33 2.97
C GLY B 121 2.35 9.84 2.26
N LEU B 122 1.61 8.89 1.61
CA LEU B 122 0.36 9.17 0.90
C LEU B 122 -0.73 9.63 1.86
N ILE B 123 -0.88 8.95 3.00
CA ILE B 123 -1.87 9.31 4.00
C ILE B 123 -1.67 10.75 4.55
N ILE B 124 -0.40 11.12 4.86
CA ILE B 124 -0.05 12.44 5.40
C ILE B 124 -0.33 13.49 4.35
N PHE B 125 0.10 13.27 3.08
CA PHE B 125 -0.18 14.22 2.01
C PHE B 125 -1.70 14.39 1.83
N ARG B 126 -2.43 13.26 1.89
CA ARG B 126 -3.88 13.23 1.74
C ARG B 126 -4.56 14.07 2.80
N ASP B 127 -4.29 13.77 4.06
CA ASP B 127 -4.93 14.39 5.21
C ASP B 127 -4.45 15.83 5.46
N GLN B 128 -3.12 16.10 5.33
CA GLN B 128 -2.54 17.44 5.64
C GLN B 128 -2.62 18.45 4.49
N VAL B 129 -2.58 17.99 3.23
CA VAL B 129 -2.62 18.90 2.10
C VAL B 129 -3.96 18.78 1.30
N VAL B 130 -4.14 17.74 0.44
CA VAL B 130 -5.30 17.57 -0.46
C VAL B 130 -6.70 17.67 0.25
N ARG B 131 -6.81 17.24 1.50
CA ARG B 131 -8.10 17.26 2.21
C ARG B 131 -8.09 18.23 3.41
N TYR B 132 -7.41 19.38 3.28
CA TYR B 132 -7.27 20.35 4.36
C TYR B 132 -8.44 21.34 4.39
N GLY B 133 -9.68 20.89 4.18
CA GLY B 133 -10.83 21.78 4.23
C GLY B 133 -10.75 22.88 3.19
N CYS B 134 -10.06 24.04 3.50
CA CYS B 134 -9.86 25.14 2.55
C CYS B 134 -9.29 24.58 1.19
N ILE B 135 -8.25 23.72 1.23
CA ILE B 135 -7.69 23.12 0.02
C ILE B 135 -8.72 22.14 -0.57
N ARG B 136 -9.27 21.24 0.28
CA ARG B 136 -10.26 20.21 -0.11
C ARG B 136 -11.38 20.86 -0.91
N ASP B 137 -11.93 21.97 -0.40
CA ASP B 137 -13.01 22.73 -1.02
C ASP B 137 -12.56 23.46 -2.25
N HIS B 138 -11.43 24.21 -2.19
CA HIS B 138 -11.02 24.98 -3.37
C HIS B 138 -10.70 24.09 -4.57
N LEU B 139 -10.25 22.85 -4.33
CA LEU B 139 -9.99 21.89 -5.40
C LEU B 139 -11.31 21.40 -5.98
N ARG B 140 -12.30 21.09 -5.12
CA ARG B 140 -13.62 20.65 -5.55
C ARG B 140 -14.31 21.74 -6.38
N GLN B 141 -14.25 23.02 -5.94
CA GLN B 141 -14.88 24.10 -6.68
C GLN B 141 -14.16 24.37 -8.01
N THR B 142 -12.81 24.22 -8.03
CA THR B 142 -11.96 24.43 -9.21
C THR B 142 -12.32 23.43 -10.32
N LEU B 143 -12.23 22.11 -10.03
CA LEU B 143 -12.51 21.04 -10.99
C LEU B 143 -13.97 21.13 -11.50
N LEU B 144 -14.90 21.48 -10.62
CA LEU B 144 -16.30 21.61 -11.05
C LEU B 144 -16.54 22.87 -11.88
N ASP B 145 -15.96 24.05 -11.51
CA ASP B 145 -16.14 25.29 -12.30
C ASP B 145 -15.61 25.12 -13.71
N MET B 146 -14.52 24.32 -13.89
CA MET B 146 -13.88 24.02 -15.18
C MET B 146 -14.83 23.21 -16.05
N ILE B 147 -15.33 22.06 -15.52
CA ILE B 147 -16.25 21.17 -16.21
C ILE B 147 -17.54 21.93 -16.58
N ALA B 148 -18.02 22.83 -15.69
CA ALA B 148 -19.22 23.64 -15.93
C ALA B 148 -18.95 24.63 -17.07
N ARG B 149 -17.78 25.32 -17.06
CA ARG B 149 -17.31 26.27 -18.09
C ARG B 149 -17.18 25.55 -19.43
N GLU B 150 -16.52 24.36 -19.44
CA GLU B 150 -16.29 23.53 -20.62
C GLU B 150 -17.63 23.21 -21.29
N ARG B 151 -18.58 22.68 -20.52
CA ARG B 151 -19.93 22.32 -20.96
C ARG B 151 -20.67 23.50 -21.58
N LYS B 152 -20.52 24.70 -20.95
CA LYS B 152 -21.11 25.97 -21.36
C LYS B 152 -20.27 26.66 -22.46
N GLY B 153 -19.43 25.88 -23.14
CA GLY B 153 -18.62 26.34 -24.28
C GLY B 153 -17.13 26.60 -24.13
N GLU B 154 -16.68 27.24 -23.01
CA GLU B 154 -15.30 27.65 -22.72
C GLU B 154 -14.23 26.52 -22.95
N VAL B 155 -12.97 26.96 -23.14
CA VAL B 155 -11.79 26.11 -23.37
C VAL B 155 -11.03 25.94 -22.04
N VAL B 156 -11.02 24.70 -21.49
CA VAL B 156 -10.33 24.43 -20.21
C VAL B 156 -9.25 23.35 -20.38
N ASP B 157 -8.34 23.28 -19.40
CA ASP B 157 -7.18 22.39 -19.33
C ASP B 157 -7.58 21.02 -18.79
N ARG B 158 -7.88 20.08 -19.70
CA ARG B 158 -8.24 18.70 -19.36
C ARG B 158 -7.06 18.01 -18.66
N GLY B 159 -5.84 18.42 -19.03
CA GLY B 159 -4.60 17.91 -18.47
C GLY B 159 -4.50 18.13 -16.97
N ALA B 160 -4.81 19.36 -16.51
CA ALA B 160 -4.79 19.68 -15.08
C ALA B 160 -5.88 18.88 -14.37
N ILE B 161 -7.02 18.70 -15.04
CA ILE B 161 -8.15 17.93 -14.55
C ILE B 161 -7.72 16.45 -14.44
N ARG B 162 -7.10 15.82 -15.47
CA ARG B 162 -6.71 14.41 -15.31
C ARG B 162 -5.62 14.26 -14.24
N ASN B 163 -4.69 15.23 -14.17
CA ASN B 163 -3.59 15.19 -13.20
C ASN B 163 -4.10 15.20 -11.76
N ALA B 164 -5.15 15.98 -11.46
CA ALA B 164 -5.73 16.04 -10.12
C ALA B 164 -6.53 14.79 -9.81
N CYS B 165 -7.26 14.25 -10.80
CA CYS B 165 -8.07 13.05 -10.63
C CYS B 165 -7.18 11.84 -10.35
N GLN B 166 -6.04 11.68 -11.11
CA GLN B 166 -5.07 10.59 -10.86
C GLN B 166 -4.59 10.65 -9.40
N MET B 167 -4.19 11.87 -8.97
CA MET B 167 -3.75 12.16 -7.62
C MET B 167 -4.81 11.76 -6.63
N LEU B 168 -6.07 12.21 -6.84
CA LEU B 168 -7.20 11.90 -5.93
C LEU B 168 -7.42 10.40 -5.83
N MET B 169 -7.24 9.70 -6.94
CA MET B 169 -7.37 8.26 -7.01
C MET B 169 -6.24 7.60 -6.21
N ILE B 170 -4.98 8.04 -6.46
CA ILE B 170 -3.78 7.45 -5.81
C ILE B 170 -3.88 7.56 -4.28
N LEU B 171 -4.37 8.70 -3.72
CA LEU B 171 -4.47 8.94 -2.28
C LEU B 171 -5.58 8.08 -1.64
N GLY B 172 -6.25 7.29 -2.48
CA GLY B 172 -7.28 6.36 -2.05
C GLY B 172 -6.72 5.05 -1.51
N LEU B 173 -5.36 4.87 -1.63
CA LEU B 173 -4.54 3.72 -1.22
C LEU B 173 -5.08 2.47 -1.86
N GLU B 174 -4.83 2.35 -3.18
CA GLU B 174 -5.32 1.29 -4.06
C GLU B 174 -6.85 1.13 -3.79
N GLY B 175 -7.56 2.24 -4.08
CA GLY B 175 -9.00 2.42 -3.86
C GLY B 175 -9.47 3.80 -4.27
N ARG B 176 -10.74 3.92 -4.65
CA ARG B 176 -11.31 5.17 -5.14
C ARG B 176 -11.99 6.01 -4.02
N SER B 177 -11.86 5.59 -2.74
CA SER B 177 -12.46 6.26 -1.55
C SER B 177 -12.37 7.81 -1.60
N VAL B 178 -11.17 8.35 -1.89
CA VAL B 178 -10.90 9.80 -1.92
C VAL B 178 -11.50 10.47 -3.18
N TYR B 179 -11.32 9.88 -4.37
CA TYR B 179 -11.85 10.35 -5.65
C TYR B 179 -13.38 10.41 -5.64
N GLU B 180 -14.02 9.32 -5.13
CA GLU B 180 -15.47 9.15 -5.03
C GLU B 180 -16.08 10.30 -4.20
N GLU B 181 -15.65 10.52 -2.93
CA GLU B 181 -16.26 11.55 -2.12
C GLU B 181 -15.71 12.95 -2.33
N ASP B 182 -14.44 13.10 -2.66
CA ASP B 182 -13.91 14.45 -2.85
C ASP B 182 -14.27 15.05 -4.23
N PHE B 183 -14.39 14.23 -5.29
CA PHE B 183 -14.70 14.74 -6.63
C PHE B 183 -15.98 14.15 -7.26
N GLU B 184 -16.02 12.81 -7.50
CA GLU B 184 -17.12 12.15 -8.20
C GLU B 184 -18.49 12.56 -7.69
N ALA B 185 -18.80 12.23 -6.41
CA ALA B 185 -20.09 12.54 -5.80
C ALA B 185 -20.49 14.01 -6.05
N PRO B 186 -19.68 15.06 -5.64
CA PRO B 186 -20.07 16.45 -5.97
C PRO B 186 -20.25 16.70 -7.47
N PHE B 187 -19.40 16.09 -8.32
CA PHE B 187 -19.45 16.21 -9.77
C PHE B 187 -20.76 15.67 -10.30
N LEU B 188 -21.12 14.43 -9.91
CA LEU B 188 -22.34 13.79 -10.39
C LEU B 188 -23.58 14.61 -10.02
N GLU B 189 -23.59 15.15 -8.78
CA GLU B 189 -24.65 15.99 -8.22
C GLU B 189 -24.84 17.24 -9.11
N MET B 190 -23.76 18.06 -9.32
CA MET B 190 -23.85 19.29 -10.14
C MET B 190 -24.16 18.97 -11.60
N SER B 191 -23.82 17.75 -12.05
CA SER B 191 -24.05 17.31 -13.41
C SER B 191 -25.53 17.10 -13.63
N ALA B 192 -26.20 16.36 -12.70
CA ALA B 192 -27.62 16.04 -12.74
C ALA B 192 -28.42 17.33 -12.77
N GLU B 193 -28.03 18.32 -11.94
CA GLU B 193 -28.68 19.63 -11.89
C GLU B 193 -28.55 20.30 -13.27
N PHE B 194 -27.38 20.16 -13.92
CA PHE B 194 -27.17 20.71 -15.26
C PHE B 194 -28.07 20.01 -16.29
N PHE B 195 -27.93 18.68 -16.46
CA PHE B 195 -28.70 17.85 -17.38
C PHE B 195 -30.23 18.05 -17.24
N GLN B 196 -30.77 18.17 -15.99
CA GLN B 196 -32.21 18.39 -15.74
C GLN B 196 -32.67 19.68 -16.41
N MET B 197 -31.83 20.72 -16.36
CA MET B 197 -32.09 22.01 -16.96
C MET B 197 -31.93 21.97 -18.45
N GLU B 198 -30.94 21.20 -18.90
CA GLU B 198 -30.64 21.00 -20.31
C GLU B 198 -31.85 20.32 -20.98
N SER B 199 -32.44 19.29 -20.31
CA SER B 199 -33.59 18.52 -20.79
C SER B 199 -34.81 19.40 -20.98
N GLN B 200 -35.05 20.34 -20.05
CA GLN B 200 -36.14 21.29 -20.05
C GLN B 200 -36.06 22.23 -21.24
N LYS B 201 -34.84 22.66 -21.62
CA LYS B 201 -34.63 23.56 -22.76
C LYS B 201 -34.94 22.85 -24.09
N PHE B 202 -34.36 21.66 -24.28
CA PHE B 202 -34.45 20.84 -25.49
C PHE B 202 -35.87 20.30 -25.74
N LEU B 203 -36.66 20.06 -24.69
CA LEU B 203 -38.02 19.57 -24.89
C LEU B 203 -38.91 20.72 -25.34
N ALA B 204 -38.68 21.92 -24.79
CA ALA B 204 -39.46 23.12 -25.03
C ALA B 204 -39.24 23.70 -26.44
N GLU B 205 -38.13 23.34 -27.13
CA GLU B 205 -37.88 23.92 -28.44
C GLU B 205 -37.40 22.93 -29.54
N ASN B 206 -37.07 21.66 -29.21
CA ASN B 206 -36.64 20.71 -30.24
C ASN B 206 -37.65 19.57 -30.44
N SER B 207 -37.66 18.98 -31.65
CA SER B 207 -38.50 17.83 -32.07
C SER B 207 -38.05 16.58 -31.30
N ALA B 208 -38.90 15.52 -31.19
CA ALA B 208 -38.52 14.28 -30.49
C ALA B 208 -37.23 13.66 -31.10
N SER B 209 -37.13 13.66 -32.44
CA SER B 209 -35.98 13.13 -33.18
C SER B 209 -34.73 13.92 -32.84
N VAL B 210 -34.86 15.26 -32.80
CA VAL B 210 -33.76 16.19 -32.47
C VAL B 210 -33.35 15.96 -31.02
N TYR B 211 -34.34 15.86 -30.11
CA TYR B 211 -34.10 15.61 -28.71
C TYR B 211 -33.30 14.31 -28.53
N ILE B 212 -33.84 13.18 -29.02
CA ILE B 212 -33.19 11.86 -28.97
C ILE B 212 -31.74 11.95 -29.48
N LYS B 213 -31.50 12.70 -30.59
CA LYS B 213 -30.16 12.92 -31.17
C LYS B 213 -29.28 13.69 -30.17
N LYS B 214 -29.82 14.79 -29.61
CA LYS B 214 -29.13 15.64 -28.65
C LYS B 214 -28.76 14.89 -27.39
N VAL B 215 -29.58 13.88 -26.98
CA VAL B 215 -29.31 13.02 -25.82
C VAL B 215 -28.09 12.13 -26.11
N GLU B 216 -28.09 11.43 -27.28
CA GLU B 216 -26.99 10.56 -27.76
C GLU B 216 -25.68 11.37 -27.79
N ALA B 217 -25.75 12.60 -28.32
CA ALA B 217 -24.68 13.58 -28.38
C ALA B 217 -24.14 13.94 -26.99
N ARG B 218 -25.03 14.06 -25.99
CA ARG B 218 -24.66 14.36 -24.61
C ARG B 218 -23.98 13.13 -23.99
N ILE B 219 -24.51 11.92 -24.24
CA ILE B 219 -23.93 10.67 -23.74
C ILE B 219 -22.49 10.55 -24.26
N ASN B 220 -22.30 10.80 -25.58
CA ASN B 220 -20.99 10.71 -26.23
C ASN B 220 -20.04 11.76 -25.63
N GLU B 221 -20.51 13.02 -25.46
CA GLU B 221 -19.66 14.05 -24.85
C GLU B 221 -19.16 13.64 -23.47
N GLU B 222 -20.06 13.13 -22.60
CA GLU B 222 -19.73 12.74 -21.23
C GLU B 222 -18.81 11.52 -21.20
N ILE B 223 -18.92 10.59 -22.17
CA ILE B 223 -17.98 9.46 -22.21
C ILE B 223 -16.61 10.03 -22.62
N GLU B 224 -16.60 10.87 -23.69
CA GLU B 224 -15.40 11.56 -24.22
C GLU B 224 -14.70 12.39 -23.12
N ARG B 225 -15.47 12.98 -22.17
CA ARG B 225 -14.92 13.75 -21.07
C ARG B 225 -14.22 12.84 -20.07
N VAL B 226 -14.82 11.68 -19.72
CA VAL B 226 -14.25 10.76 -18.74
C VAL B 226 -12.90 10.24 -19.24
N MET B 227 -12.86 9.74 -20.51
CA MET B 227 -11.65 9.23 -21.16
C MET B 227 -10.51 10.25 -21.07
N HIS B 228 -10.77 11.53 -21.40
CA HIS B 228 -9.79 12.60 -21.42
C HIS B 228 -9.41 13.28 -20.08
N CYS B 229 -10.25 13.28 -19.00
CA CYS B 229 -9.78 13.98 -17.79
C CYS B 229 -10.32 13.46 -16.45
N LEU B 230 -11.06 12.35 -16.41
CA LEU B 230 -11.55 11.81 -15.13
C LEU B 230 -11.15 10.34 -15.02
N ASP B 231 -11.50 9.65 -13.93
CA ASP B 231 -11.15 8.22 -13.85
C ASP B 231 -12.14 7.39 -14.66
N LYS B 232 -11.59 6.46 -15.48
CA LYS B 232 -12.32 5.55 -16.38
C LYS B 232 -13.54 4.92 -15.70
N SER B 233 -13.51 4.81 -14.36
CA SER B 233 -14.56 4.23 -13.54
C SER B 233 -15.77 5.15 -13.39
N THR B 234 -15.71 6.38 -13.94
CA THR B 234 -16.81 7.34 -13.82
C THR B 234 -17.75 7.23 -15.06
N GLU B 235 -17.36 6.43 -16.08
CA GLU B 235 -18.17 6.26 -17.29
C GLU B 235 -19.58 5.75 -16.92
N GLU B 236 -19.69 4.59 -16.22
CA GLU B 236 -21.00 4.05 -15.86
C GLU B 236 -21.80 5.06 -15.00
N PRO B 237 -21.26 5.66 -13.92
CA PRO B 237 -22.08 6.61 -13.14
C PRO B 237 -22.63 7.77 -13.94
N ILE B 238 -21.76 8.55 -14.66
CA ILE B 238 -22.20 9.75 -15.38
C ILE B 238 -23.20 9.44 -16.50
N VAL B 239 -23.01 8.33 -17.23
CA VAL B 239 -23.95 7.95 -18.29
C VAL B 239 -25.34 7.67 -17.67
N LYS B 240 -25.36 6.97 -16.53
CA LYS B 240 -26.58 6.63 -15.84
C LYS B 240 -27.27 7.89 -15.37
N VAL B 241 -26.50 8.96 -15.11
CA VAL B 241 -27.05 10.26 -14.68
C VAL B 241 -27.63 10.95 -15.93
N VAL B 242 -27.00 10.73 -17.12
CA VAL B 242 -27.51 11.30 -18.37
C VAL B 242 -28.77 10.49 -18.75
N GLU B 243 -28.72 9.15 -18.64
CA GLU B 243 -29.82 8.23 -18.92
C GLU B 243 -31.00 8.53 -18.01
N ARG B 244 -30.74 8.89 -16.73
CA ARG B 244 -31.80 9.15 -15.77
C ARG B 244 -32.49 10.49 -16.04
N GLU B 245 -31.72 11.57 -16.12
CA GLU B 245 -32.23 12.93 -16.24
C GLU B 245 -32.79 13.28 -17.62
N LEU B 246 -32.17 12.75 -18.71
CA LEU B 246 -32.60 13.06 -20.07
C LEU B 246 -33.60 12.05 -20.64
N ILE B 247 -33.38 10.74 -20.41
CA ILE B 247 -34.25 9.72 -20.94
C ILE B 247 -35.29 9.31 -19.88
N SER B 248 -34.90 8.52 -18.85
CA SER B 248 -35.79 7.93 -17.85
C SER B 248 -36.86 8.86 -17.27
N LYS B 249 -36.50 10.07 -16.80
CA LYS B 249 -37.41 11.03 -16.21
C LYS B 249 -38.43 11.60 -17.20
N HIS B 250 -38.14 11.64 -18.51
CA HIS B 250 -39.09 12.17 -19.52
C HIS B 250 -39.55 11.12 -20.58
N MET B 251 -39.60 9.81 -20.23
CA MET B 251 -39.98 8.70 -21.14
C MET B 251 -41.36 8.88 -21.80
N LYS B 252 -42.45 9.08 -21.01
CA LYS B 252 -43.80 9.24 -21.58
C LYS B 252 -43.92 10.56 -22.32
N THR B 253 -43.19 11.60 -21.87
CA THR B 253 -43.21 12.95 -22.46
C THR B 253 -42.67 12.91 -23.89
N ILE B 254 -41.52 12.21 -24.11
CA ILE B 254 -40.85 12.11 -25.40
C ILE B 254 -41.75 11.38 -26.39
N VAL B 255 -42.17 10.12 -26.09
CA VAL B 255 -43.01 9.31 -26.98
C VAL B 255 -44.31 10.06 -27.41
N GLU B 256 -44.97 10.73 -26.45
CA GLU B 256 -46.24 11.40 -26.69
C GLU B 256 -46.14 12.81 -27.29
N MET B 257 -44.92 13.35 -27.53
CA MET B 257 -44.72 14.69 -28.10
C MET B 257 -45.68 14.97 -29.25
N GLU B 258 -46.48 16.05 -29.16
CA GLU B 258 -47.44 16.45 -30.20
C GLU B 258 -46.71 16.83 -31.50
N ASN B 259 -47.39 16.65 -32.66
CA ASN B 259 -46.88 16.93 -34.03
C ASN B 259 -45.45 16.34 -34.23
N SER B 260 -45.05 15.40 -33.36
CA SER B 260 -43.75 14.68 -33.34
C SER B 260 -43.94 13.38 -32.52
N GLY B 261 -42.85 12.70 -32.17
CA GLY B 261 -42.97 11.51 -31.34
C GLY B 261 -43.46 10.25 -32.04
N LEU B 262 -43.46 9.13 -31.29
CA LEU B 262 -43.79 7.76 -31.71
C LEU B 262 -45.01 7.69 -32.61
N VAL B 263 -46.16 8.19 -32.14
CA VAL B 263 -47.42 8.13 -32.90
C VAL B 263 -47.26 8.87 -34.24
N HIS B 264 -46.67 10.08 -34.24
CA HIS B 264 -46.47 10.83 -35.49
C HIS B 264 -45.44 10.12 -36.37
N MET B 265 -44.41 9.49 -35.76
CA MET B 265 -43.37 8.76 -36.50
C MET B 265 -43.95 7.51 -37.14
N LEU B 266 -44.88 6.81 -36.43
CA LEU B 266 -45.61 5.64 -36.91
C LEU B 266 -46.57 6.05 -38.06
N LYS B 267 -47.32 7.16 -37.89
CA LYS B 267 -48.27 7.71 -38.88
C LYS B 267 -47.53 8.18 -40.16
N ASN B 268 -46.51 9.04 -40.03
CA ASN B 268 -45.74 9.55 -41.17
C ASN B 268 -44.65 8.54 -41.65
N GLY B 269 -44.62 7.35 -41.04
CA GLY B 269 -43.75 6.23 -41.37
C GLY B 269 -42.26 6.42 -41.26
N LYS B 270 -41.79 7.42 -40.48
CA LYS B 270 -40.37 7.73 -40.28
C LYS B 270 -39.69 6.56 -39.49
N THR B 271 -39.27 5.51 -40.23
CA THR B 271 -38.68 4.27 -39.70
C THR B 271 -37.40 4.50 -38.89
N GLU B 272 -36.30 4.98 -39.51
CA GLU B 272 -35.02 5.20 -38.80
C GLU B 272 -35.19 6.12 -37.60
N ASP B 273 -36.09 7.11 -37.69
CA ASP B 273 -36.36 8.05 -36.62
C ASP B 273 -36.86 7.33 -35.36
N LEU B 274 -37.81 6.36 -35.53
CA LEU B 274 -38.33 5.59 -34.39
C LEU B 274 -37.38 4.42 -34.05
N GLY B 275 -36.50 4.08 -34.98
CA GLY B 275 -35.46 3.09 -34.75
C GLY B 275 -34.42 3.70 -33.83
N CYS B 276 -34.21 5.05 -33.95
CA CYS B 276 -33.30 5.84 -33.13
C CYS B 276 -33.83 5.89 -31.72
N MET B 277 -35.18 6.09 -31.60
CA MET B 277 -35.92 6.11 -30.35
C MET B 277 -35.76 4.77 -29.64
N TYR B 278 -35.93 3.65 -30.40
CA TYR B 278 -35.78 2.29 -29.88
C TYR B 278 -34.42 2.12 -29.18
N LYS B 279 -33.30 2.43 -29.89
CA LYS B 279 -31.91 2.29 -29.42
C LYS B 279 -31.62 3.15 -28.19
N LEU B 280 -32.35 4.28 -28.04
CA LEU B 280 -32.14 5.16 -26.89
C LEU B 280 -32.97 4.67 -25.71
N PHE B 281 -34.24 4.34 -25.94
CA PHE B 281 -35.18 3.86 -24.93
C PHE B 281 -34.86 2.41 -24.48
N SER B 282 -33.98 1.69 -25.23
CA SER B 282 -33.55 0.34 -24.85
C SER B 282 -32.54 0.39 -23.71
N ARG B 283 -32.01 1.59 -23.40
CA ARG B 283 -31.02 1.79 -22.35
C ARG B 283 -31.68 1.77 -20.98
N VAL B 284 -32.67 2.68 -20.79
CA VAL B 284 -33.36 2.88 -19.52
C VAL B 284 -34.42 1.77 -19.21
N PRO B 285 -34.59 1.46 -17.90
CA PRO B 285 -35.62 0.48 -17.52
C PRO B 285 -37.01 1.04 -17.83
N ASN B 286 -37.92 0.14 -18.27
CA ASN B 286 -39.32 0.39 -18.68
C ASN B 286 -39.34 1.28 -19.94
N GLY B 287 -38.15 1.44 -20.54
CA GLY B 287 -37.94 2.25 -21.72
C GLY B 287 -38.75 1.79 -22.90
N LEU B 288 -38.53 0.52 -23.32
CA LEU B 288 -39.23 -0.09 -24.45
C LEU B 288 -40.70 -0.29 -24.13
N LYS B 289 -41.02 -0.56 -22.83
CA LYS B 289 -42.40 -0.71 -22.32
C LYS B 289 -43.23 0.50 -22.73
N THR B 290 -42.70 1.73 -22.46
CA THR B 290 -43.33 3.01 -22.78
C THR B 290 -43.64 3.08 -24.27
N MET B 291 -42.70 2.66 -25.13
CA MET B 291 -42.91 2.68 -26.57
C MET B 291 -44.01 1.70 -26.97
N CYS B 292 -44.02 0.50 -26.34
CA CYS B 292 -45.01 -0.55 -26.57
C CYS B 292 -46.38 -0.05 -26.15
N GLU B 293 -46.47 0.55 -24.94
CA GLU B 293 -47.69 1.11 -24.36
C GLU B 293 -48.28 2.18 -25.29
N CYS B 294 -47.44 3.13 -25.75
CA CYS B 294 -47.82 4.21 -26.67
C CYS B 294 -48.32 3.63 -27.99
N MET B 295 -47.63 2.60 -28.50
CA MET B 295 -47.94 1.89 -29.74
C MET B 295 -49.29 1.14 -29.61
N SER B 296 -49.43 0.30 -28.56
CA SER B 296 -50.61 -0.51 -28.30
C SER B 296 -51.84 0.36 -28.17
N SER B 297 -51.70 1.57 -27.58
CA SER B 297 -52.78 2.55 -27.46
C SER B 297 -53.25 3.00 -28.86
N TYR B 298 -52.29 3.36 -29.74
CA TYR B 298 -52.53 3.81 -31.13
C TYR B 298 -53.00 2.66 -32.04
N LEU B 299 -52.21 1.54 -32.12
CA LEU B 299 -52.48 0.37 -32.98
C LEU B 299 -53.90 -0.19 -32.72
N ARG B 300 -54.33 -0.27 -31.43
CA ARG B 300 -55.67 -0.75 -31.08
C ARG B 300 -56.74 0.25 -31.54
N GLU B 301 -56.48 1.57 -31.47
CA GLU B 301 -57.40 2.62 -31.92
C GLU B 301 -57.50 2.62 -33.45
N GLN B 302 -56.38 2.31 -34.15
CA GLN B 302 -56.29 2.26 -35.62
C GLN B 302 -56.92 0.96 -36.22
N GLY B 303 -56.71 -0.17 -35.56
CA GLY B 303 -57.28 -1.45 -35.96
C GLY B 303 -58.77 -1.52 -35.68
N LYS B 304 -59.24 -0.77 -34.63
CA LYS B 304 -60.65 -0.64 -34.24
C LYS B 304 -61.47 0.01 -35.36
N ALA B 305 -60.79 0.81 -36.23
CA ALA B 305 -61.38 1.48 -37.39
C ALA B 305 -61.62 0.46 -38.53
N LEU B 306 -60.70 -0.53 -38.63
CA LEU B 306 -60.77 -1.61 -39.63
C LEU B 306 -61.72 -2.72 -39.18
N GLN B 321 -60.75 -6.00 -45.05
CA GLN B 321 -59.90 -6.36 -46.18
C GLN B 321 -58.53 -5.66 -46.11
N GLY B 322 -58.52 -4.46 -45.53
CA GLY B 322 -57.34 -3.61 -45.39
C GLY B 322 -56.49 -3.85 -44.16
N LEU B 323 -56.75 -4.95 -43.41
CA LEU B 323 -55.97 -5.30 -42.22
C LEU B 323 -54.73 -6.13 -42.62
N ASP B 324 -54.64 -6.52 -43.91
CA ASP B 324 -53.48 -7.20 -44.49
C ASP B 324 -52.38 -6.13 -44.69
N ASP B 325 -52.83 -4.88 -45.02
CA ASP B 325 -52.02 -3.66 -45.22
C ASP B 325 -51.43 -3.21 -43.87
N LEU B 326 -52.26 -3.27 -42.80
CA LEU B 326 -51.89 -2.93 -41.41
C LEU B 326 -50.82 -3.90 -40.92
N LYS B 327 -51.07 -5.23 -41.03
CA LYS B 327 -50.17 -6.30 -40.60
C LYS B 327 -48.81 -6.17 -41.27
N SER B 328 -48.79 -5.94 -42.59
CA SER B 328 -47.58 -5.78 -43.40
C SER B 328 -46.79 -4.52 -43.03
N ARG B 329 -47.49 -3.38 -42.79
CA ARG B 329 -46.88 -2.10 -42.42
C ARG B 329 -46.15 -2.22 -41.06
N PHE B 330 -46.83 -2.82 -40.05
CA PHE B 330 -46.26 -3.04 -38.73
C PHE B 330 -45.19 -4.11 -38.73
N ASP B 331 -45.28 -5.10 -39.66
CA ASP B 331 -44.28 -6.16 -39.83
C ASP B 331 -42.92 -5.55 -40.22
N ARG B 332 -42.96 -4.53 -41.11
CA ARG B 332 -41.82 -3.77 -41.63
C ARG B 332 -41.13 -2.98 -40.49
N PHE B 333 -41.92 -2.27 -39.64
CA PHE B 333 -41.43 -1.49 -38.49
C PHE B 333 -40.71 -2.41 -37.53
N LEU B 334 -41.40 -3.47 -37.07
CA LEU B 334 -40.89 -4.47 -36.14
C LEU B 334 -39.52 -5.00 -36.55
N LEU B 335 -39.36 -5.36 -37.84
CA LEU B 335 -38.14 -5.92 -38.42
C LEU B 335 -37.01 -4.88 -38.54
N GLU B 336 -37.34 -3.64 -39.00
CA GLU B 336 -36.38 -2.57 -39.26
C GLU B 336 -36.07 -1.68 -38.01
N SER B 337 -37.10 -0.99 -37.50
CA SER B 337 -36.98 -0.06 -36.38
C SER B 337 -36.91 -0.72 -35.00
N PHE B 338 -37.59 -1.86 -34.81
CA PHE B 338 -37.61 -2.50 -33.50
C PHE B 338 -36.68 -3.72 -33.38
N ASN B 339 -35.75 -3.95 -34.37
CA ASN B 339 -34.73 -5.03 -34.36
C ASN B 339 -35.37 -6.41 -34.07
N ASN B 340 -36.63 -6.59 -34.55
CA ASN B 340 -37.45 -7.80 -34.34
C ASN B 340 -37.39 -8.18 -32.84
N ASP B 341 -37.75 -7.21 -31.96
CA ASP B 341 -37.74 -7.37 -30.49
C ASP B 341 -38.91 -8.23 -30.08
N ARG B 342 -38.67 -9.18 -29.14
CA ARG B 342 -39.67 -10.12 -28.62
C ARG B 342 -40.89 -9.40 -28.01
N LEU B 343 -40.64 -8.36 -27.17
CA LEU B 343 -41.64 -7.54 -26.47
C LEU B 343 -42.55 -6.79 -27.45
N PHE B 344 -41.95 -6.15 -28.49
CA PHE B 344 -42.69 -5.43 -29.53
C PHE B 344 -43.50 -6.41 -30.36
N LYS B 345 -42.92 -7.58 -30.72
CA LYS B 345 -43.56 -8.65 -31.49
C LYS B 345 -44.82 -9.13 -30.81
N GLN B 346 -44.72 -9.46 -29.51
CA GLN B 346 -45.83 -9.93 -28.69
C GLN B 346 -46.91 -8.85 -28.55
N THR B 347 -46.51 -7.57 -28.36
CA THR B 347 -47.39 -6.41 -28.23
C THR B 347 -48.23 -6.26 -29.51
N ILE B 348 -47.57 -6.17 -30.70
CA ILE B 348 -48.23 -6.04 -32.01
C ILE B 348 -49.23 -7.21 -32.20
N ALA B 349 -48.77 -8.45 -31.90
CA ALA B 349 -49.54 -9.69 -32.00
C ALA B 349 -50.73 -9.69 -31.04
N GLY B 350 -50.50 -9.21 -29.82
CA GLY B 350 -51.51 -9.10 -28.78
C GLY B 350 -52.67 -8.22 -29.19
N ASP B 351 -52.32 -7.08 -29.83
CA ASP B 351 -53.26 -6.09 -30.34
C ASP B 351 -54.06 -6.64 -31.51
N PHE B 352 -53.43 -7.49 -32.34
CA PHE B 352 -54.10 -8.13 -33.47
C PHE B 352 -55.08 -9.21 -32.99
N GLU B 353 -54.69 -10.01 -31.97
CA GLU B 353 -55.53 -11.06 -31.37
C GLU B 353 -56.73 -10.42 -30.62
N TYR B 354 -56.56 -9.15 -30.18
CA TYR B 354 -57.57 -8.35 -29.49
C TYR B 354 -58.74 -8.00 -30.40
N PHE B 355 -58.46 -7.66 -31.69
CA PHE B 355 -59.46 -7.29 -32.69
C PHE B 355 -60.43 -8.42 -32.97
N LEU B 356 -59.94 -9.70 -32.92
CA LEU B 356 -60.75 -10.91 -33.09
C LEU B 356 -61.98 -10.88 -32.15
N ASN B 357 -61.78 -10.47 -30.89
CA ASN B 357 -62.85 -10.31 -29.90
C ASN B 357 -63.36 -8.86 -29.87
#